data_3U7R
#
_entry.id   3U7R
#
_cell.length_a   61.030
_cell.length_b   89.140
_cell.length_c   71.280
_cell.angle_alpha   90.00
_cell.angle_beta   90.00
_cell.angle_gamma   90.00
#
_symmetry.space_group_name_H-M   'P 21 21 2'
#
loop_
_entity.id
_entity.type
_entity.pdbx_description
1 polymer 'NADPH-dependent FMN reductase'
2 non-polymer 1-DEOXY-1-(7,8-DIMETHYL-2,4-DIOXO-3,4-DIHYDRO-2H-BENZO[G]PTERIDIN-1-ID-10(5H)-YL)-5-O-PHOSPHONATO-D-RIBITOL
3 non-polymer 'NONAETHYLENE GLYCOL'
4 water water
#
_entity_poly.entity_id   1
_entity_poly.type   'polypeptide(L)'
_entity_poly.pdbx_seq_one_letter_code
;(MSE)VKTVAV(MSE)VGSLRKDSLNHKL(MSE)KVLQKLAEGRLEFHLLHIGDLPHYNDDLWADAPESVLRLKDRIEHS
DAVLAITPEYNRSYPG(MSE)IKNAIDWATRPYGQNSWKGKPAAVIGTSPGVIGAALAQARLKNDLLHVGTV(MSE)
(MSE)S(MSE)PEAYIQWHAEAYAADGSVTDEKTAKFLQGFVDAFVDWIEKHGLEHHHHHH
;
_entity_poly.pdbx_strand_id   A,B
#
loop_
_chem_comp.id
_chem_comp.type
_chem_comp.name
_chem_comp.formula
2PE non-polymer 'NONAETHYLENE GLYCOL' 'C18 H38 O10'
FNR non-polymer 1-DEOXY-1-(7,8-DIMETHYL-2,4-DIOXO-3,4-DIHYDRO-2H-BENZO[G]PTERIDIN-1-ID-10(5H)-YL)-5-O-PHOSPHONATO-D-RIBITOL 'C17 H23 N4 O9 P'
#
# COMPACT_ATOMS: atom_id res chain seq x y z
N VAL A 2 -20.85 -25.58 -1.29
CA VAL A 2 -19.61 -24.89 -1.75
C VAL A 2 -19.64 -23.44 -1.29
N LYS A 3 -18.52 -22.96 -0.75
CA LYS A 3 -18.44 -21.55 -0.34
C LYS A 3 -17.69 -20.81 -1.44
N THR A 4 -18.17 -19.62 -1.78
CA THR A 4 -17.47 -18.77 -2.73
C THR A 4 -16.44 -17.88 -2.04
N VAL A 5 -15.32 -17.66 -2.75
CA VAL A 5 -14.20 -16.92 -2.22
C VAL A 5 -13.77 -15.89 -3.23
N ALA A 6 -13.76 -14.64 -2.81
CA ALA A 6 -13.21 -13.54 -3.60
C ALA A 6 -11.74 -13.47 -3.36
N VAL A 7 -10.94 -13.63 -4.41
CA VAL A 7 -9.48 -13.81 -4.27
C VAL A 7 -8.73 -12.61 -4.83
N MSE A 8 -7.76 -12.11 -4.05
CA MSE A 8 -6.82 -11.13 -4.53
C MSE A 8 -5.51 -11.79 -4.71
O MSE A 8 -4.98 -12.36 -3.77
CB MSE A 8 -6.65 -9.98 -3.55
CG MSE A 8 -7.89 -9.11 -3.47
SE MSE A 8 -7.60 -7.43 -2.53
CE MSE A 8 -7.43 -8.06 -0.69
N VAL A 9 -4.92 -11.65 -5.90
CA VAL A 9 -3.56 -12.11 -6.15
C VAL A 9 -2.73 -10.88 -6.40
N GLY A 10 -1.74 -10.66 -5.54
CA GLY A 10 -1.00 -9.41 -5.58
C GLY A 10 0.10 -9.24 -6.59
N SER A 11 -0.01 -9.88 -7.75
CA SER A 11 0.95 -9.74 -8.81
C SER A 11 0.23 -9.86 -10.13
N LEU A 12 0.70 -9.09 -11.11
CA LEU A 12 0.17 -9.02 -12.46
C LEU A 12 1.06 -9.72 -13.48
N ARG A 13 2.30 -10.06 -13.11
CA ARG A 13 3.26 -10.45 -14.12
C ARG A 13 2.97 -11.86 -14.65
N LYS A 14 3.44 -12.12 -15.87
CA LYS A 14 3.14 -13.38 -16.55
C LYS A 14 3.48 -14.60 -15.70
N ASP A 15 4.67 -14.64 -15.14
CA ASP A 15 5.08 -15.91 -14.55
C ASP A 15 4.97 -15.85 -13.02
N SER A 16 4.07 -15.02 -12.51
CA SER A 16 3.90 -14.84 -11.07
C SER A 16 3.80 -16.12 -10.29
N LEU A 17 4.61 -16.23 -9.24
CA LEU A 17 4.57 -17.36 -8.34
C LEU A 17 3.32 -17.32 -7.49
N ASN A 18 2.88 -16.13 -7.08
CA ASN A 18 1.63 -16.03 -6.35
C ASN A 18 0.40 -16.42 -7.18
N HIS A 19 0.45 -16.16 -8.47
CA HIS A 19 -0.58 -16.71 -9.34
C HIS A 19 -0.52 -18.23 -9.41
N LYS A 20 0.68 -18.79 -9.52
CA LYS A 20 0.80 -20.26 -9.50
C LYS A 20 0.24 -20.81 -8.19
N LEU A 21 0.55 -20.15 -7.08
CA LEU A 21 0.06 -20.58 -5.78
C LEU A 21 -1.45 -20.54 -5.72
N MSE A 22 -2.04 -19.48 -6.27
CA MSE A 22 -3.51 -19.38 -6.38
C MSE A 22 -4.08 -20.62 -7.08
O MSE A 22 -5.04 -21.20 -6.62
CB MSE A 22 -3.86 -18.10 -7.13
CG MSE A 22 -5.34 -17.74 -7.26
SE MSE A 22 -6.28 -18.72 -8.56
SE MSE A 22 -5.73 -17.42 -9.30
CE MSE A 22 -5.62 -17.30 -9.79
CE MSE A 22 -7.23 -18.58 -9.82
N LYS A 23 -3.49 -21.01 -8.19
CA LYS A 23 -3.99 -22.19 -8.92
C LYS A 23 -3.81 -23.50 -8.12
N VAL A 24 -2.70 -23.63 -7.41
CA VAL A 24 -2.48 -24.78 -6.52
C VAL A 24 -3.58 -24.83 -5.48
N LEU A 25 -3.83 -23.72 -4.83
CA LEU A 25 -4.85 -23.67 -3.78
C LEU A 25 -6.24 -23.94 -4.35
N GLN A 26 -6.51 -23.41 -5.52
CA GLN A 26 -7.82 -23.61 -6.12
C GLN A 26 -8.04 -25.07 -6.40
N LYS A 27 -7.00 -25.76 -6.88
CA LYS A 27 -7.09 -27.20 -7.18
C LYS A 27 -7.29 -28.01 -5.91
N LEU A 28 -6.58 -27.66 -4.87
CA LEU A 28 -6.74 -28.38 -3.58
C LEU A 28 -8.17 -28.16 -3.04
N ALA A 29 -8.75 -27.00 -3.26
CA ALA A 29 -10.02 -26.60 -2.67
C ALA A 29 -11.23 -26.93 -3.54
N GLU A 30 -10.98 -27.39 -4.75
CA GLU A 30 -12.08 -27.63 -5.70
C GLU A 30 -13.13 -28.54 -5.07
N GLY A 31 -14.39 -28.15 -5.19
CA GLY A 31 -15.51 -28.86 -4.58
C GLY A 31 -15.95 -28.32 -3.24
N ARG A 32 -15.09 -27.56 -2.57
CA ARG A 32 -15.39 -27.01 -1.26
C ARG A 32 -15.39 -25.49 -1.30
N LEU A 33 -14.47 -24.92 -2.09
CA LEU A 33 -14.36 -23.46 -2.29
C LEU A 33 -14.38 -23.18 -3.75
N GLU A 34 -15.11 -22.16 -4.12
CA GLU A 34 -15.17 -21.70 -5.50
C GLU A 34 -14.55 -20.33 -5.59
N PHE A 35 -13.41 -20.21 -6.25
CA PHE A 35 -12.64 -18.97 -6.30
C PHE A 35 -13.16 -18.08 -7.42
N HIS A 36 -13.23 -16.80 -7.13
CA HIS A 36 -13.50 -15.75 -8.12
C HIS A 36 -12.50 -14.63 -7.95
N LEU A 37 -11.70 -14.37 -8.98
CA LEU A 37 -10.65 -13.37 -8.91
C LEU A 37 -11.24 -11.98 -8.84
N LEU A 38 -10.71 -11.17 -7.93
CA LEU A 38 -10.94 -9.74 -7.91
C LEU A 38 -9.92 -9.10 -8.82
N HIS A 39 -10.40 -8.27 -9.70
CA HIS A 39 -9.54 -7.68 -10.74
C HIS A 39 -8.88 -6.41 -10.27
N ILE A 40 -7.94 -6.57 -9.37
CA ILE A 40 -7.35 -5.42 -8.70
C ILE A 40 -6.42 -4.61 -9.60
N GLY A 41 -5.86 -5.23 -10.62
CA GLY A 41 -5.04 -4.51 -11.59
C GLY A 41 -5.85 -3.56 -12.47
N ASP A 42 -7.17 -3.76 -12.52
CA ASP A 42 -8.05 -2.94 -13.35
C ASP A 42 -8.60 -1.72 -12.61
N LEU A 43 -8.23 -1.56 -11.34
CA LEU A 43 -8.69 -0.42 -10.54
C LEU A 43 -7.79 0.75 -10.76
N PRO A 44 -8.34 1.93 -10.94
CA PRO A 44 -7.49 3.13 -10.99
C PRO A 44 -6.94 3.41 -9.59
N HIS A 45 -5.92 4.25 -9.49
CA HIS A 45 -5.51 4.74 -8.18
C HIS A 45 -6.70 5.37 -7.51
N TYR A 46 -6.82 5.10 -6.21
CA TYR A 46 -7.96 5.64 -5.46
C TYR A 46 -8.02 7.16 -5.67
N ASN A 47 -9.22 7.67 -5.98
CA ASN A 47 -9.45 9.13 -6.09
C ASN A 47 -10.90 9.34 -5.74
N ASP A 48 -11.16 10.02 -4.61
CA ASP A 48 -12.52 10.12 -4.09
C ASP A 48 -13.42 10.84 -5.07
N ASP A 49 -12.85 11.69 -5.91
CA ASP A 49 -13.65 12.43 -6.92
C ASP A 49 -14.37 11.49 -7.90
N LEU A 50 -13.83 10.31 -8.11
CA LEU A 50 -14.39 9.38 -9.08
C LEU A 50 -15.70 8.77 -8.64
N TRP A 51 -16.11 8.95 -7.39
CA TRP A 51 -17.42 8.44 -6.99
C TRP A 51 -18.53 9.16 -7.69
N ALA A 52 -18.26 10.31 -8.27
CA ALA A 52 -19.27 11.01 -9.07
C ALA A 52 -19.70 10.17 -10.26
N ASP A 53 -18.82 9.32 -10.77
CA ASP A 53 -19.13 8.44 -11.86
C ASP A 53 -18.29 7.19 -11.67
N ALA A 54 -18.74 6.33 -10.76
CA ALA A 54 -17.88 5.28 -10.22
C ALA A 54 -17.33 4.38 -11.30
N PRO A 55 -16.02 4.08 -11.25
CA PRO A 55 -15.45 3.21 -12.27
C PRO A 55 -16.11 1.86 -12.26
N GLU A 56 -16.36 1.30 -13.43
CA GLU A 56 -16.97 -0.02 -13.48
C GLU A 56 -16.15 -1.06 -12.72
N SER A 57 -14.83 -0.98 -12.79
CA SER A 57 -13.98 -1.93 -12.10
C SER A 57 -14.21 -1.91 -10.60
N VAL A 58 -14.47 -0.73 -10.06
CA VAL A 58 -14.72 -0.56 -8.65
C VAL A 58 -16.05 -1.18 -8.27
N LEU A 59 -17.07 -0.88 -9.06
CA LEU A 59 -18.40 -1.43 -8.86
C LEU A 59 -18.35 -2.97 -8.88
N ARG A 60 -17.62 -3.53 -9.82
CA ARG A 60 -17.51 -5.01 -9.92
C ARG A 60 -16.77 -5.66 -8.77
N LEU A 61 -15.73 -4.98 -8.34
CA LEU A 61 -14.95 -5.37 -7.19
C LEU A 61 -15.84 -5.51 -5.95
N LYS A 62 -16.59 -4.45 -5.67
CA LYS A 62 -17.45 -4.45 -4.49
C LYS A 62 -18.53 -5.51 -4.63
N ASP A 63 -19.14 -5.61 -5.80
CA ASP A 63 -20.22 -6.57 -6.02
C ASP A 63 -19.71 -8.00 -5.79
N ARG A 64 -18.52 -8.31 -6.28
CA ARG A 64 -17.98 -9.67 -6.09
C ARG A 64 -17.64 -9.96 -4.64
N ILE A 65 -17.07 -9.00 -3.93
CA ILE A 65 -16.79 -9.19 -2.52
C ILE A 65 -18.11 -9.43 -1.75
N GLU A 66 -19.13 -8.61 -2.02
CA GLU A 66 -20.36 -8.67 -1.27
C GLU A 66 -21.06 -9.97 -1.52
N HIS A 67 -20.96 -10.49 -2.72
CA HIS A 67 -21.63 -11.73 -3.07
C HIS A 67 -20.80 -12.98 -2.77
N SER A 68 -19.63 -12.86 -2.17
CA SER A 68 -18.80 -14.00 -1.82
C SER A 68 -18.89 -14.31 -0.33
N ASP A 69 -18.74 -15.58 0.03
CA ASP A 69 -18.80 -15.99 1.39
C ASP A 69 -17.53 -15.60 2.16
N ALA A 70 -16.44 -15.42 1.44
CA ALA A 70 -15.15 -15.22 2.09
C ALA A 70 -14.20 -14.50 1.15
N VAL A 71 -13.06 -14.09 1.70
CA VAL A 71 -11.98 -13.39 1.00
C VAL A 71 -10.67 -14.12 1.27
N LEU A 72 -9.86 -14.26 0.23
CA LEU A 72 -8.51 -14.82 0.29
C LEU A 72 -7.55 -13.87 -0.40
N ALA A 73 -6.47 -13.49 0.27
CA ALA A 73 -5.43 -12.69 -0.36
C ALA A 73 -4.17 -13.48 -0.47
N ILE A 74 -3.54 -13.44 -1.63
CA ILE A 74 -2.33 -14.19 -1.93
C ILE A 74 -1.30 -13.16 -2.36
N THR A 75 -0.33 -12.88 -1.51
CA THR A 75 0.51 -11.72 -1.70
C THR A 75 2.00 -12.01 -1.80
N PRO A 76 2.69 -11.34 -2.74
CA PRO A 76 4.15 -11.25 -2.66
C PRO A 76 4.56 -10.22 -1.62
N GLU A 77 5.85 -10.22 -1.36
CA GLU A 77 6.47 -9.20 -0.50
C GLU A 77 7.35 -8.30 -1.33
N TYR A 78 7.07 -6.99 -1.24
CA TYR A 78 7.88 -5.96 -1.87
C TYR A 78 8.41 -5.05 -0.77
N ASN A 79 9.72 -4.99 -0.60
CA ASN A 79 10.34 -4.13 0.38
C ASN A 79 9.73 -4.28 1.76
N ARG A 80 9.54 -5.54 2.14
CA ARG A 80 9.13 -5.92 3.49
C ARG A 80 7.69 -5.55 3.86
N SER A 81 6.88 -5.23 2.85
CA SER A 81 5.43 -5.23 3.03
C SER A 81 4.75 -5.72 1.79
N TYR A 82 3.45 -5.57 1.68
CA TYR A 82 2.72 -6.09 0.54
C TYR A 82 2.53 -4.98 -0.51
N PRO A 83 2.14 -5.35 -1.74
CA PRO A 83 2.04 -4.35 -2.81
C PRO A 83 0.90 -3.38 -2.58
N GLY A 84 1.17 -2.13 -2.94
CA GLY A 84 0.18 -1.07 -2.90
C GLY A 84 -1.06 -1.35 -3.71
N MSE A 85 -0.94 -2.12 -4.81
CA MSE A 85 -2.14 -2.42 -5.57
C MSE A 85 -3.17 -3.15 -4.72
O MSE A 85 -4.37 -3.01 -4.93
CB MSE A 85 -1.66 -3.28 -6.74
CG MSE A 85 -2.80 -3.73 -7.63
SE MSE A 85 -2.20 -4.84 -9.14
CE MSE A 85 -1.51 -6.37 -8.16
N ILE A 86 -2.73 -3.99 -3.76
CA ILE A 86 -3.72 -4.64 -2.88
C ILE A 86 -4.37 -3.62 -1.96
N LYS A 87 -3.59 -2.73 -1.34
CA LYS A 87 -4.16 -1.69 -0.46
C LYS A 87 -5.13 -0.81 -1.22
N ASN A 88 -4.80 -0.51 -2.47
CA ASN A 88 -5.71 0.30 -3.30
C ASN A 88 -7.05 -0.37 -3.45
N ALA A 89 -7.05 -1.70 -3.67
CA ALA A 89 -8.30 -2.46 -3.75
C ALA A 89 -9.07 -2.49 -2.43
N ILE A 90 -8.34 -2.68 -1.35
CA ILE A 90 -8.92 -2.65 -0.04
C ILE A 90 -9.67 -1.31 0.16
N ASP A 91 -8.97 -0.22 -0.12
CA ASP A 91 -9.57 1.09 0.13
C ASP A 91 -10.76 1.35 -0.77
N TRP A 92 -10.66 1.04 -2.06
CA TRP A 92 -11.82 1.22 -2.94
C TRP A 92 -13.05 0.53 -2.35
N ALA A 93 -12.90 -0.72 -1.91
CA ALA A 93 -14.09 -1.49 -1.53
C ALA A 93 -14.67 -1.10 -0.18
N THR A 94 -13.95 -0.31 0.62
CA THR A 94 -14.49 0.25 1.83
C THR A 94 -15.40 1.41 1.60
N ARG A 95 -15.43 1.95 0.41
CA ARG A 95 -16.16 3.18 0.13
C ARG A 95 -17.34 2.93 -0.82
N PRO A 96 -18.29 3.88 -0.93
CA PRO A 96 -18.44 5.13 -0.17
C PRO A 96 -18.54 4.91 1.33
N TYR A 97 -18.34 5.99 2.09
CA TYR A 97 -18.54 5.94 3.51
C TYR A 97 -19.90 5.31 3.83
N GLY A 98 -19.88 4.36 4.76
CA GLY A 98 -21.06 3.63 5.17
C GLY A 98 -21.29 2.35 4.37
N GLN A 99 -20.43 2.08 3.39
CA GLN A 99 -20.64 0.99 2.45
C GLN A 99 -19.38 0.13 2.34
N ASN A 100 -18.88 -0.34 3.45
CA ASN A 100 -17.69 -1.15 3.48
C ASN A 100 -18.00 -2.59 3.11
N SER A 101 -17.59 -2.99 1.90
CA SER A 101 -17.91 -4.30 1.37
C SER A 101 -17.23 -5.42 2.18
N TRP A 102 -16.11 -5.13 2.84
CA TRP A 102 -15.34 -6.18 3.54
C TRP A 102 -15.93 -6.62 4.88
N LYS A 103 -16.82 -5.80 5.43
CA LYS A 103 -17.25 -5.96 6.80
C LYS A 103 -17.85 -7.34 7.04
N GLY A 104 -17.32 -8.04 8.04
CA GLY A 104 -17.83 -9.32 8.45
C GLY A 104 -17.40 -10.50 7.60
N LYS A 105 -16.62 -10.26 6.55
CA LYS A 105 -16.24 -11.37 5.66
C LYS A 105 -15.14 -12.19 6.33
N PRO A 106 -15.31 -13.52 6.42
CA PRO A 106 -14.16 -14.33 6.82
C PRO A 106 -13.05 -14.18 5.78
N ALA A 107 -11.81 -14.11 6.24
CA ALA A 107 -10.68 -13.87 5.40
C ALA A 107 -9.49 -14.69 5.84
N ALA A 108 -8.60 -14.92 4.87
CA ALA A 108 -7.29 -15.53 5.12
C ALA A 108 -6.27 -14.93 4.20
N VAL A 109 -5.02 -14.97 4.64
CA VAL A 109 -3.89 -14.45 3.88
C VAL A 109 -2.85 -15.57 3.78
N ILE A 110 -2.24 -15.62 2.59
CA ILE A 110 -1.14 -16.51 2.28
C ILE A 110 -0.27 -15.78 1.26
N GLY A 111 0.90 -16.31 0.96
CA GLY A 111 1.78 -15.67 -0.05
C GLY A 111 3.04 -16.47 -0.18
N THR A 112 3.82 -16.15 -1.22
CA THR A 112 5.06 -16.85 -1.49
C THR A 112 6.11 -15.90 -2.03
N SER A 113 7.35 -16.25 -1.70
CA SER A 113 8.55 -15.64 -2.20
C SER A 113 9.54 -16.72 -2.59
N PRO A 114 10.44 -16.43 -3.52
CA PRO A 114 11.55 -17.37 -3.75
C PRO A 114 12.47 -17.47 -2.52
N GLY A 115 12.48 -16.43 -1.69
CA GLY A 115 13.37 -16.41 -0.51
C GLY A 115 12.76 -17.15 0.68
N VAL A 116 13.58 -17.47 1.65
CA VAL A 116 13.14 -18.26 2.78
C VAL A 116 12.11 -17.57 3.68
N ILE A 117 12.03 -16.24 3.66
CA ILE A 117 11.09 -15.53 4.52
C ILE A 117 9.65 -15.75 4.06
N GLY A 118 9.44 -16.17 2.81
CA GLY A 118 8.13 -16.65 2.41
C GLY A 118 7.04 -15.61 2.48
N ALA A 119 7.43 -14.35 2.24
CA ALA A 119 6.53 -13.21 2.26
C ALA A 119 5.89 -12.94 3.64
N ALA A 120 6.55 -13.38 4.72
CA ALA A 120 5.96 -13.25 6.06
C ALA A 120 5.70 -11.81 6.47
N LEU A 121 6.60 -10.87 6.12
CA LEU A 121 6.43 -9.49 6.57
C LEU A 121 5.26 -8.87 5.82
N ALA A 122 5.14 -9.12 4.50
CA ALA A 122 3.98 -8.70 3.74
C ALA A 122 2.72 -9.25 4.33
N GLN A 123 2.71 -10.54 4.65
CA GLN A 123 1.49 -11.20 5.15
C GLN A 123 1.05 -10.63 6.47
N ALA A 124 1.97 -10.32 7.36
CA ALA A 124 1.61 -9.79 8.68
C ALA A 124 0.91 -8.45 8.50
N ARG A 125 1.44 -7.61 7.61
CA ARG A 125 0.88 -6.27 7.36
C ARG A 125 -0.46 -6.36 6.68
N LEU A 126 -0.61 -7.30 5.74
CA LEU A 126 -1.86 -7.44 5.05
C LEU A 126 -2.97 -8.00 5.95
N LYS A 127 -2.61 -8.95 6.80
CA LYS A 127 -3.54 -9.44 7.84
C LYS A 127 -4.03 -8.26 8.69
N ASN A 128 -3.12 -7.41 9.17
CA ASN A 128 -3.50 -6.26 9.97
C ASN A 128 -4.42 -5.31 9.21
N ASP A 129 -4.08 -5.01 7.97
CA ASP A 129 -4.89 -4.03 7.19
C ASP A 129 -6.24 -4.56 6.83
N LEU A 130 -6.33 -5.85 6.54
CA LEU A 130 -7.65 -6.46 6.31
C LEU A 130 -8.48 -6.59 7.61
N LEU A 131 -7.81 -6.87 8.73
CA LEU A 131 -8.50 -6.85 10.02
C LEU A 131 -9.11 -5.47 10.25
N HIS A 132 -8.37 -4.42 9.91
CA HIS A 132 -8.79 -3.06 10.21
C HIS A 132 -9.93 -2.58 9.32
N VAL A 133 -10.27 -3.31 8.25
CA VAL A 133 -11.49 -3.08 7.47
C VAL A 133 -12.61 -4.07 7.79
N GLY A 134 -12.51 -4.75 8.91
CA GLY A 134 -13.63 -5.50 9.40
C GLY A 134 -13.77 -6.95 9.02
N THR A 135 -12.77 -7.52 8.37
CA THR A 135 -12.80 -8.93 8.09
C THR A 135 -12.65 -9.74 9.36
N VAL A 136 -13.09 -11.00 9.31
CA VAL A 136 -12.91 -11.94 10.41
C VAL A 136 -11.70 -12.78 10.01
N MSE A 137 -10.53 -12.42 10.50
CA MSE A 137 -9.27 -12.84 9.92
C MSE A 137 -8.75 -14.10 10.52
O MSE A 137 -8.41 -14.13 11.71
CB MSE A 137 -8.25 -11.70 10.07
CG MSE A 137 -6.86 -12.09 9.59
SE MSE A 137 -6.76 -12.58 7.71
CE MSE A 137 -7.28 -10.86 7.02
N MSE A 138 -8.57 -15.11 9.68
CA MSE A 138 -7.93 -16.35 10.14
C MSE A 138 -6.47 -16.07 10.36
O MSE A 138 -5.83 -15.31 9.65
CB MSE A 138 -8.10 -17.38 9.05
CG MSE A 138 -7.73 -18.78 9.55
SE MSE A 138 -7.94 -20.17 8.19
CE MSE A 138 -6.19 -20.00 7.35
N SER A 139 -5.93 -16.68 11.42
CA SER A 139 -4.51 -16.56 11.71
C SER A 139 -3.72 -17.88 11.57
N MSE A 140 -4.36 -19.03 11.79
CA MSE A 140 -3.67 -20.31 11.79
C MSE A 140 -4.22 -21.14 10.69
O MSE A 140 -5.43 -21.21 10.56
CB MSE A 140 -3.83 -20.97 13.15
CG MSE A 140 -3.52 -19.95 14.24
SE MSE A 140 -1.56 -19.50 14.24
SE MSE A 140 -3.60 -20.85 16.04
CE MSE A 140 -1.65 -20.61 15.85
N PRO A 141 -3.40 -22.03 10.17
CA PRO A 141 -1.95 -21.94 10.12
C PRO A 141 -1.32 -20.81 9.40
N GLU A 142 -0.19 -20.37 9.91
CA GLU A 142 0.67 -19.49 9.17
C GLU A 142 1.13 -20.18 7.91
N ALA A 143 1.25 -19.44 6.81
CA ALA A 143 1.68 -20.04 5.55
C ALA A 143 2.66 -19.10 4.84
N TYR A 144 3.90 -19.12 5.30
CA TYR A 144 4.96 -18.29 4.74
C TYR A 144 5.74 -19.16 3.77
N ILE A 145 5.28 -19.20 2.54
CA ILE A 145 5.71 -20.24 1.62
C ILE A 145 6.97 -19.81 0.86
N GLN A 146 8.09 -20.50 1.06
CA GLN A 146 9.21 -20.36 0.13
C GLN A 146 8.87 -21.21 -1.10
N TRP A 147 8.82 -20.58 -2.26
CA TRP A 147 8.48 -21.30 -3.48
C TRP A 147 9.58 -22.22 -3.92
N HIS A 148 9.26 -23.48 -4.17
CA HIS A 148 10.20 -24.44 -4.76
C HIS A 148 9.51 -25.03 -5.97
N ALA A 149 9.97 -24.66 -7.16
CA ALA A 149 9.33 -25.06 -8.40
C ALA A 149 9.15 -26.57 -8.50
N GLU A 150 10.11 -27.32 -8.00
CA GLU A 150 10.09 -28.76 -8.09
C GLU A 150 9.00 -29.43 -7.25
N ALA A 151 8.34 -28.67 -6.38
CA ALA A 151 7.29 -29.21 -5.51
C ALA A 151 5.92 -29.22 -6.17
N TYR A 152 5.82 -28.62 -7.37
CA TYR A 152 4.54 -28.44 -8.06
C TYR A 152 4.65 -28.91 -9.50
N ALA A 153 3.53 -29.40 -10.02
CA ALA A 153 3.40 -29.78 -11.42
C ALA A 153 2.74 -28.68 -12.23
N ALA A 154 2.82 -28.81 -13.56
CA ALA A 154 2.28 -27.82 -14.47
C ALA A 154 0.76 -27.66 -14.37
N ASP A 155 0.07 -28.69 -13.93
CA ASP A 155 -1.38 -28.62 -13.77
C ASP A 155 -1.82 -28.08 -12.41
N GLY A 156 -0.85 -27.62 -11.60
CA GLY A 156 -1.16 -27.12 -10.26
C GLY A 156 -1.12 -28.17 -9.15
N SER A 157 -0.93 -29.44 -9.50
CA SER A 157 -0.80 -30.46 -8.50
C SER A 157 0.42 -30.22 -7.63
N VAL A 158 0.37 -30.66 -6.38
CA VAL A 158 1.51 -30.59 -5.49
C VAL A 158 2.16 -31.94 -5.44
N THR A 159 3.35 -32.04 -6.01
CA THR A 159 4.02 -33.31 -6.11
C THR A 159 4.82 -33.67 -4.86
N ASP A 160 5.25 -32.67 -4.09
CA ASP A 160 5.97 -32.88 -2.84
C ASP A 160 4.99 -33.15 -1.70
N GLU A 161 5.08 -34.33 -1.07
CA GLU A 161 4.09 -34.74 -0.07
C GLU A 161 4.04 -33.81 1.16
N LYS A 162 5.19 -33.35 1.65
CA LYS A 162 5.20 -32.47 2.81
C LYS A 162 4.52 -31.13 2.49
N THR A 163 4.79 -30.61 1.31
CA THR A 163 4.17 -29.36 0.88
C THR A 163 2.68 -29.55 0.69
N ALA A 164 2.27 -30.67 0.10
CA ALA A 164 0.86 -30.92 -0.12
C ALA A 164 0.12 -30.98 1.21
N LYS A 165 0.69 -31.71 2.19
CA LYS A 165 0.06 -31.79 3.50
C LYS A 165 -0.09 -30.41 4.15
N PHE A 166 0.94 -29.58 4.03
CA PHE A 166 0.93 -28.24 4.58
C PHE A 166 -0.15 -27.37 3.93
N LEU A 167 -0.17 -27.33 2.61
CA LEU A 167 -1.15 -26.50 1.92
C LEU A 167 -2.56 -27.05 2.08
N GLN A 168 -2.70 -28.38 2.11
CA GLN A 168 -4.02 -28.96 2.43
C GLN A 168 -4.50 -28.52 3.83
N GLY A 169 -3.57 -28.41 4.77
CA GLY A 169 -3.90 -27.99 6.12
C GLY A 169 -4.43 -26.56 6.11
N PHE A 170 -3.81 -25.72 5.30
CA PHE A 170 -4.29 -24.34 5.18
C PHE A 170 -5.67 -24.31 4.58
N VAL A 171 -5.87 -25.05 3.48
CA VAL A 171 -7.21 -25.09 2.85
C VAL A 171 -8.27 -25.64 3.79
N ASP A 172 -7.99 -26.75 4.47
CA ASP A 172 -8.94 -27.32 5.44
C ASP A 172 -9.31 -26.31 6.54
N ALA A 173 -8.29 -25.63 7.06
CA ALA A 173 -8.51 -24.64 8.10
C ALA A 173 -9.38 -23.48 7.60
N PHE A 174 -9.14 -23.04 6.38
CA PHE A 174 -9.92 -21.97 5.80
C PHE A 174 -11.36 -22.40 5.55
N VAL A 175 -11.60 -23.61 5.06
CA VAL A 175 -12.98 -24.09 4.92
C VAL A 175 -13.69 -24.07 6.28
N ASP A 176 -13.03 -24.56 7.32
CA ASP A 176 -13.66 -24.62 8.64
C ASP A 176 -13.88 -23.21 9.18
N TRP A 177 -12.94 -22.32 8.91
CA TRP A 177 -13.00 -20.93 9.34
C TRP A 177 -14.22 -20.23 8.76
N ILE A 178 -14.43 -20.46 7.47
CA ILE A 178 -15.57 -19.86 6.82
C ILE A 178 -16.87 -20.40 7.38
N GLU A 179 -16.94 -21.71 7.55
CA GLU A 179 -18.16 -22.35 8.13
C GLU A 179 -18.49 -21.80 9.51
N LYS A 180 -17.48 -21.61 10.35
CA LYS A 180 -17.68 -21.18 11.72
C LYS A 180 -17.98 -19.68 11.80
N HIS A 181 -17.26 -18.89 11.02
CA HIS A 181 -17.23 -17.44 11.23
C HIS A 181 -17.95 -16.63 10.19
N GLY A 182 -18.48 -17.27 9.16
CA GLY A 182 -19.20 -16.57 8.11
C GLY A 182 -20.61 -16.23 8.53
N LEU A 183 -21.29 -15.44 7.69
CA LEU A 183 -22.70 -15.12 7.92
C LEU A 183 -23.55 -16.39 7.86
N VAL B 2 20.20 26.12 -0.88
CA VAL B 2 18.83 25.54 -0.95
C VAL B 2 18.95 24.03 -1.17
N LYS B 3 18.19 23.25 -0.41
CA LYS B 3 18.15 21.79 -0.60
C LYS B 3 16.90 21.44 -1.42
N THR B 4 17.03 20.52 -2.37
CA THR B 4 15.90 20.04 -3.13
C THR B 4 15.23 18.87 -2.44
N VAL B 5 13.92 18.81 -2.58
CA VAL B 5 13.13 17.81 -1.90
C VAL B 5 12.20 17.21 -2.93
N ALA B 6 12.24 15.89 -3.03
CA ALA B 6 11.30 15.14 -3.83
C ALA B 6 10.09 14.84 -2.98
N VAL B 7 8.93 15.30 -3.39
CA VAL B 7 7.73 15.28 -2.54
C VAL B 7 6.68 14.32 -3.09
N MSE B 8 6.13 13.47 -2.25
CA MSE B 8 4.97 12.66 -2.58
C MSE B 8 3.80 13.20 -1.82
O MSE B 8 3.86 13.26 -0.60
CB MSE B 8 5.14 11.19 -2.16
CG MSE B 8 6.19 10.50 -2.99
SE MSE B 8 6.25 8.58 -2.75
CE MSE B 8 7.05 8.42 -0.99
N VAL B 9 2.72 13.50 -2.52
CA VAL B 9 1.45 13.84 -1.88
C VAL B 9 0.49 12.70 -2.18
N GLY B 10 0.03 12.05 -1.13
CA GLY B 10 -0.76 10.85 -1.26
C GLY B 10 -2.22 11.00 -1.61
N SER B 11 -2.58 12.02 -2.39
CA SER B 11 -3.96 12.21 -2.83
C SER B 11 -3.95 12.86 -4.19
N LEU B 12 -4.92 12.49 -5.02
CA LEU B 12 -5.12 13.00 -6.37
C LEU B 12 -6.34 13.91 -6.50
N ARG B 13 -7.22 13.99 -5.48
CA ARG B 13 -8.49 14.65 -5.67
C ARG B 13 -8.30 16.16 -5.67
N LYS B 14 -9.24 16.84 -6.30
CA LYS B 14 -9.13 18.27 -6.54
C LYS B 14 -8.93 19.05 -5.24
N ASP B 15 -9.73 18.75 -4.24
CA ASP B 15 -9.68 19.60 -3.06
C ASP B 15 -8.90 18.96 -1.93
N SER B 16 -7.94 18.12 -2.26
CA SER B 16 -7.12 17.41 -1.28
C SER B 16 -6.53 18.30 -0.19
N LEU B 17 -6.72 17.91 1.05
CA LEU B 17 -6.18 18.64 2.18
C LEU B 17 -4.68 18.42 2.27
N ASN B 18 -4.24 17.22 1.91
CA ASN B 18 -2.79 16.96 1.91
C ASN B 18 -2.07 17.77 0.84
N HIS B 19 -2.74 18.02 -0.30
CA HIS B 19 -2.19 18.94 -1.30
C HIS B 19 -2.14 20.38 -0.75
N LYS B 20 -3.19 20.80 -0.05
CA LYS B 20 -3.16 22.11 0.61
C LYS B 20 -1.99 22.19 1.61
N LEU B 21 -1.80 21.14 2.39
CA LEU B 21 -0.70 21.08 3.36
C LEU B 21 0.64 21.16 2.67
N MSE B 22 0.78 20.50 1.52
CA MSE B 22 2.03 20.60 0.75
C MSE B 22 2.32 22.04 0.40
O MSE B 22 3.43 22.51 0.52
CB MSE B 22 1.89 19.75 -0.50
CG MSE B 22 3.17 19.63 -1.33
SE MSE B 22 3.36 21.11 -2.57
CE MSE B 22 2.12 20.17 -3.69
N LYS B 23 1.31 22.76 -0.07
CA LYS B 23 1.54 24.17 -0.43
C LYS B 23 1.89 25.03 0.80
N VAL B 24 1.26 24.76 1.93
CA VAL B 24 1.56 25.48 3.16
C VAL B 24 3.03 25.24 3.52
N LEU B 25 3.48 23.99 3.45
CA LEU B 25 4.85 23.65 3.83
C LEU B 25 5.84 24.27 2.85
N GLN B 26 5.47 24.28 1.57
CA GLN B 26 6.34 24.83 0.56
C GLN B 26 6.55 26.31 0.81
N LYS B 27 5.47 27.01 1.17
CA LYS B 27 5.58 28.42 1.46
C LYS B 27 6.44 28.66 2.71
N LEU B 28 6.23 27.87 3.74
CA LEU B 28 7.04 28.03 4.96
C LEU B 28 8.49 27.77 4.66
N ALA B 29 8.75 26.81 3.79
CA ALA B 29 10.12 26.43 3.50
C ALA B 29 10.83 27.21 2.39
N GLU B 30 10.12 28.10 1.71
CA GLU B 30 10.69 28.82 0.58
C GLU B 30 11.99 29.50 0.96
N GLY B 31 13.01 29.32 0.13
CA GLY B 31 14.33 29.86 0.38
C GLY B 31 15.28 28.86 1.00
N ARG B 32 14.76 27.80 1.58
CA ARG B 32 15.59 26.80 2.25
C ARG B 32 15.40 25.44 1.64
N LEU B 33 14.16 25.13 1.23
CA LEU B 33 13.82 23.87 0.50
C LEU B 33 13.12 24.19 -0.79
N GLU B 34 13.49 23.46 -1.84
CA GLU B 34 12.86 23.58 -3.13
C GLU B 34 12.17 22.26 -3.43
N PHE B 35 10.85 22.29 -3.46
CA PHE B 35 10.04 21.09 -3.62
C PHE B 35 9.87 20.78 -5.09
N HIS B 36 9.94 19.49 -5.38
CA HIS B 36 9.62 18.93 -6.69
C HIS B 36 8.71 17.75 -6.50
N LEU B 37 7.50 17.83 -7.05
CA LEU B 37 6.52 16.76 -6.90
C LEU B 37 6.91 15.53 -7.69
N LEU B 38 6.78 14.38 -7.05
CA LEU B 38 6.81 13.11 -7.68
C LEU B 38 5.40 12.80 -8.12
N HIS B 39 5.26 12.45 -9.38
CA HIS B 39 3.93 12.28 -10.00
C HIS B 39 3.45 10.88 -9.87
N ILE B 40 3.20 10.52 -8.63
CA ILE B 40 2.91 9.13 -8.31
C ILE B 40 1.60 8.63 -8.93
N GLY B 41 0.66 9.52 -9.24
CA GLY B 41 -0.56 9.12 -9.91
C GLY B 41 -0.33 8.67 -11.34
N ASP B 42 0.80 9.01 -11.93
CA ASP B 42 1.09 8.67 -13.31
C ASP B 42 1.67 7.27 -13.41
N LEU B 43 2.02 6.63 -12.28
CA LEU B 43 2.67 5.31 -12.33
C LEU B 43 1.63 4.22 -12.54
N PRO B 44 1.91 3.25 -13.44
CA PRO B 44 1.04 2.08 -13.49
C PRO B 44 1.18 1.26 -12.21
N HIS B 45 0.26 0.35 -11.99
CA HIS B 45 0.49 -0.63 -10.93
C HIS B 45 1.77 -1.36 -11.21
N TYR B 46 2.53 -1.58 -10.16
CA TYR B 46 3.81 -2.28 -10.29
C TYR B 46 3.63 -3.60 -11.05
N ASN B 47 4.46 -3.82 -12.06
CA ASN B 47 4.48 -5.07 -12.80
C ASN B 47 5.89 -5.25 -13.30
N ASP B 48 6.57 -6.28 -12.81
CA ASP B 48 7.97 -6.46 -13.10
C ASP B 48 8.23 -6.67 -14.59
N ASP B 49 7.26 -7.20 -15.31
CA ASP B 49 7.38 -7.40 -16.77
C ASP B 49 7.61 -6.08 -17.50
N LEU B 50 7.15 -4.97 -16.95
CA LEU B 50 7.26 -3.68 -17.63
C LEU B 50 8.67 -3.14 -17.69
N TRP B 51 9.61 -3.73 -16.96
CA TRP B 51 11.01 -3.30 -17.07
C TRP B 51 11.58 -3.61 -18.47
N ALA B 52 10.91 -4.46 -19.26
CA ALA B 52 11.33 -4.67 -20.67
C ALA B 52 11.23 -3.38 -21.46
N ASP B 53 10.33 -2.47 -21.09
CA ASP B 53 10.21 -1.21 -21.75
C ASP B 53 9.68 -0.22 -20.71
N ALA B 54 10.59 0.29 -19.89
CA ALA B 54 10.17 0.97 -18.68
C ALA B 54 9.29 2.17 -18.97
N PRO B 55 8.18 2.30 -18.21
CA PRO B 55 7.33 3.46 -18.36
C PRO B 55 8.10 4.76 -18.12
N GLU B 56 7.83 5.78 -18.90
CA GLU B 56 8.47 7.07 -18.71
C GLU B 56 8.25 7.60 -17.30
N SER B 57 7.06 7.36 -16.76
CA SER B 57 6.73 7.87 -15.44
C SER B 57 7.67 7.27 -14.40
N VAL B 58 8.03 6.01 -14.56
CA VAL B 58 8.91 5.34 -13.63
C VAL B 58 10.31 5.90 -13.73
N LEU B 59 10.77 6.10 -14.96
CA LEU B 59 12.09 6.68 -15.16
C LEU B 59 12.21 8.06 -14.56
N ARG B 60 11.18 8.87 -14.75
CA ARG B 60 11.14 10.24 -14.23
C ARG B 60 11.13 10.26 -12.68
N LEU B 61 10.36 9.34 -12.11
CA LEU B 61 10.26 9.21 -10.68
C LEU B 61 11.65 8.98 -10.10
N LYS B 62 12.35 7.99 -10.65
CA LYS B 62 13.65 7.62 -10.12
C LYS B 62 14.65 8.75 -10.33
N ASP B 63 14.64 9.36 -11.50
CA ASP B 63 15.55 10.47 -11.78
C ASP B 63 15.34 11.60 -10.77
N ARG B 64 14.10 11.97 -10.51
CA ARG B 64 13.89 13.07 -9.56
C ARG B 64 14.32 12.74 -8.14
N ILE B 65 14.03 11.53 -7.68
CA ILE B 65 14.47 11.14 -6.33
C ILE B 65 15.99 11.18 -6.28
N GLU B 66 16.66 10.61 -7.29
CA GLU B 66 18.11 10.55 -7.25
C GLU B 66 18.74 11.91 -7.30
N HIS B 67 18.13 12.84 -8.00
CA HIS B 67 18.65 14.18 -8.10
C HIS B 67 18.19 15.11 -7.01
N SER B 68 17.46 14.63 -6.03
CA SER B 68 17.02 15.45 -4.91
C SER B 68 17.83 15.18 -3.68
N ASP B 69 18.01 16.21 -2.84
CA ASP B 69 18.75 16.07 -1.58
C ASP B 69 17.97 15.30 -0.50
N ALA B 70 16.65 15.28 -0.64
CA ALA B 70 15.80 14.70 0.40
C ALA B 70 14.46 14.31 -0.17
N VAL B 71 13.70 13.59 0.65
CA VAL B 71 12.36 13.12 0.32
C VAL B 71 11.42 13.53 1.42
N LEU B 72 10.23 13.98 1.01
CA LEU B 72 9.11 14.33 1.93
C LEU B 72 7.88 13.65 1.46
N ALA B 73 7.20 12.92 2.36
CA ALA B 73 5.90 12.30 2.06
C ALA B 73 4.83 12.94 2.87
N ILE B 74 3.74 13.32 2.21
CA ILE B 74 2.62 13.98 2.82
C ILE B 74 1.40 13.10 2.57
N THR B 75 0.92 12.41 3.60
CA THR B 75 -0.03 11.31 3.38
C THR B 75 -1.34 11.49 4.10
N PRO B 76 -2.46 11.17 3.41
CA PRO B 76 -3.69 10.93 4.15
C PRO B 76 -3.68 9.56 4.78
N GLU B 77 -4.69 9.30 5.62
CA GLU B 77 -4.91 7.98 6.20
C GLU B 77 -6.16 7.41 5.60
N TYR B 78 -6.01 6.21 5.03
CA TYR B 78 -7.13 5.41 4.53
C TYR B 78 -7.17 4.09 5.32
N ASN B 79 -8.23 3.83 6.07
CA ASN B 79 -8.41 2.60 6.79
C ASN B 79 -7.19 2.29 7.65
N ARG B 80 -6.72 3.33 8.32
CA ARG B 80 -5.67 3.21 9.35
C ARG B 80 -4.30 2.85 8.84
N SER B 81 -4.07 3.05 7.52
CA SER B 81 -2.75 3.08 7.00
C SER B 81 -2.71 4.08 5.86
N TYR B 82 -1.65 4.12 5.11
CA TYR B 82 -1.48 5.10 4.05
C TYR B 82 -1.92 4.49 2.72
N PRO B 83 -2.12 5.33 1.70
CA PRO B 83 -2.63 4.86 0.40
C PRO B 83 -1.64 4.01 -0.37
N GLY B 84 -2.19 2.98 -1.01
CA GLY B 84 -1.38 2.10 -1.83
C GLY B 84 -0.63 2.80 -2.93
N MSE B 85 -1.17 3.91 -3.46
CA MSE B 85 -0.49 4.63 -4.51
C MSE B 85 0.89 5.04 -4.05
O MSE B 85 1.81 5.12 -4.84
CB MSE B 85 -1.35 5.80 -4.91
CG MSE B 85 -0.76 6.64 -6.01
SE MSE B 85 -1.89 8.14 -6.51
CE MSE B 85 -1.89 9.10 -4.80
N ILE B 86 1.06 5.38 -2.77
CA ILE B 86 2.39 5.73 -2.27
C ILE B 86 3.29 4.53 -2.24
N LYS B 87 2.80 3.39 -1.73
CA LYS B 87 3.62 2.19 -1.66
C LYS B 87 4.05 1.76 -3.08
N ASN B 88 3.13 1.92 -4.03
CA ASN B 88 3.45 1.55 -5.44
C ASN B 88 4.64 2.37 -5.94
N ALA B 89 4.66 3.65 -5.60
CA ALA B 89 5.80 4.53 -5.96
C ALA B 89 7.08 4.15 -5.25
N ILE B 90 6.96 3.82 -3.96
CA ILE B 90 8.10 3.37 -3.22
C ILE B 90 8.71 2.16 -3.94
N ASP B 91 7.87 1.18 -4.27
CA ASP B 91 8.36 -0.08 -4.84
C ASP B 91 8.96 0.16 -6.24
N TRP B 92 8.29 0.94 -7.09
CA TRP B 92 8.88 1.22 -8.40
C TRP B 92 10.29 1.77 -8.28
N ALA B 93 10.50 2.73 -7.39
CA ALA B 93 11.80 3.40 -7.34
C ALA B 93 12.89 2.59 -6.68
N THR B 94 12.54 1.48 -6.02
CA THR B 94 13.59 0.57 -5.53
C THR B 94 14.15 -0.32 -6.60
N ARG B 95 13.54 -0.37 -7.76
CA ARG B 95 13.90 -1.29 -8.83
C ARG B 95 14.50 -0.58 -10.04
N PRO B 96 15.22 -1.30 -10.91
CA PRO B 96 15.56 -2.72 -10.86
C PRO B 96 16.39 -3.09 -9.64
N TYR B 97 16.48 -4.40 -9.36
CA TYR B 97 17.32 -4.88 -8.28
C TYR B 97 18.74 -4.31 -8.42
N GLY B 98 19.22 -3.76 -7.30
CA GLY B 98 20.53 -3.13 -7.25
C GLY B 98 20.50 -1.62 -7.53
N GLN B 99 19.31 -1.09 -7.82
CA GLN B 99 19.16 0.30 -8.25
C GLN B 99 18.13 1.00 -7.39
N ASN B 100 18.27 0.93 -6.08
CA ASN B 100 17.30 1.53 -5.19
C ASN B 100 17.53 3.03 -5.09
N SER B 101 16.62 3.81 -5.68
CA SER B 101 16.79 5.26 -5.71
C SER B 101 16.70 5.92 -4.36
N TRP B 102 16.00 5.28 -3.41
CA TRP B 102 15.76 5.89 -2.10
C TRP B 102 16.96 5.82 -1.15
N LYS B 103 17.93 4.96 -1.44
CA LYS B 103 18.95 4.61 -0.48
C LYS B 103 19.72 5.84 -0.05
N GLY B 104 19.82 6.01 1.26
CA GLY B 104 20.57 7.10 1.84
C GLY B 104 19.92 8.46 1.86
N LYS B 105 18.71 8.57 1.30
CA LYS B 105 18.07 9.89 1.24
C LYS B 105 17.50 10.29 2.59
N PRO B 106 17.83 11.47 3.11
CA PRO B 106 17.12 11.97 4.29
C PRO B 106 15.65 12.11 3.94
N ALA B 107 14.78 11.72 4.88
CA ALA B 107 13.36 11.75 4.64
C ALA B 107 12.60 12.22 5.83
N ALA B 108 11.38 12.66 5.56
CA ALA B 108 10.41 12.95 6.61
C ALA B 108 9.02 12.65 6.12
N VAL B 109 8.13 12.45 7.08
CA VAL B 109 6.73 12.17 6.82
C VAL B 109 5.86 13.12 7.65
N ILE B 110 4.80 13.58 7.01
CA ILE B 110 3.77 14.38 7.62
C ILE B 110 2.45 14.01 6.94
N GLY B 111 1.33 14.52 7.43
CA GLY B 111 0.03 14.23 6.80
C GLY B 111 -1.06 14.89 7.63
N THR B 112 -2.23 14.92 7.03
CA THR B 112 -3.40 15.53 7.64
C THR B 112 -4.69 14.77 7.35
N SER B 113 -5.57 14.85 8.33
CA SER B 113 -6.91 14.35 8.28
C SER B 113 -7.85 15.39 8.84
N PRO B 114 -9.11 15.38 8.41
CA PRO B 114 -10.09 16.20 9.13
C PRO B 114 -10.33 15.74 10.58
N GLY B 115 -10.08 14.47 10.85
CA GLY B 115 -10.25 13.92 12.20
C GLY B 115 -9.06 14.22 13.12
N VAL B 116 -9.30 14.03 14.43
CA VAL B 116 -8.32 14.38 15.42
C VAL B 116 -7.06 13.52 15.41
N ILE B 117 -7.14 12.33 14.83
CA ILE B 117 -5.98 11.44 14.77
C ILE B 117 -4.90 11.98 13.82
N GLY B 118 -5.26 12.85 12.87
CA GLY B 118 -4.26 13.54 12.10
C GLY B 118 -3.39 12.63 11.27
N ALA B 119 -3.97 11.55 10.79
CA ALA B 119 -3.29 10.57 9.96
C ALA B 119 -2.10 9.89 10.63
N ALA B 120 -2.12 9.82 11.95
CA ALA B 120 -0.97 9.24 12.67
C ALA B 120 -0.71 7.80 12.38
N LEU B 121 -1.75 6.99 12.19
CA LEU B 121 -1.50 5.56 11.87
C LEU B 121 -0.91 5.37 10.49
N ALA B 122 -1.39 6.12 9.50
CA ALA B 122 -0.80 6.13 8.16
C ALA B 122 0.65 6.54 8.25
N GLN B 123 0.93 7.59 9.01
CA GLN B 123 2.28 8.13 9.09
C GLN B 123 3.25 7.13 9.69
N ALA B 124 2.84 6.46 10.73
CA ALA B 124 3.72 5.49 11.35
C ALA B 124 4.09 4.40 10.39
N ARG B 125 3.11 3.91 9.65
CA ARG B 125 3.37 2.85 8.67
C ARG B 125 4.26 3.33 7.51
N LEU B 126 4.05 4.56 7.07
CA LEU B 126 4.83 5.09 5.98
C LEU B 126 6.26 5.38 6.40
N LYS B 127 6.44 5.90 7.60
CA LYS B 127 7.81 6.00 8.18
C LYS B 127 8.50 4.66 8.18
N ASN B 128 7.82 3.61 8.62
CA ASN B 128 8.44 2.28 8.64
C ASN B 128 8.81 1.80 7.26
N ASP B 129 7.90 1.95 6.32
CA ASP B 129 8.13 1.43 4.96
C ASP B 129 9.22 2.20 4.22
N LEU B 130 9.31 3.51 4.44
CA LEU B 130 10.39 4.31 3.86
C LEU B 130 11.72 4.01 4.56
N LEU B 131 11.71 3.75 5.88
CA LEU B 131 12.91 3.32 6.57
C LEU B 131 13.42 2.01 5.93
N HIS B 132 12.51 1.09 5.61
CA HIS B 132 12.88 -0.22 5.11
C HIS B 132 13.40 -0.21 3.67
N VAL B 133 13.30 0.93 2.98
CA VAL B 133 13.97 1.11 1.68
C VAL B 133 15.19 2.02 1.79
N GLY B 134 15.70 2.22 2.99
CA GLY B 134 17.00 2.80 3.14
C GLY B 134 17.09 4.28 3.33
N THR B 135 15.95 4.94 3.51
CA THR B 135 16.01 6.38 3.83
C THR B 135 16.53 6.61 5.22
N VAL B 136 17.01 7.81 5.47
CA VAL B 136 17.46 8.23 6.78
C VAL B 136 16.29 9.04 7.34
N MSE B 137 15.46 8.39 8.15
CA MSE B 137 14.13 8.87 8.45
C MSE B 137 14.06 9.74 9.68
O MSE B 137 14.33 9.27 10.79
CB MSE B 137 13.18 7.68 8.64
CG MSE B 137 11.75 8.09 9.02
SE MSE B 137 10.87 9.26 7.77
CE MSE B 137 10.83 8.00 6.31
N MSE B 138 13.59 10.97 9.51
CA MSE B 138 13.37 11.87 10.63
C MSE B 138 12.20 11.33 11.42
O MSE B 138 11.23 10.88 10.83
CB MSE B 138 13.13 13.28 10.09
CG MSE B 138 13.19 14.31 11.22
SE MSE B 138 12.85 16.12 10.56
CE MSE B 138 10.91 16.11 10.64
N SER B 139 12.26 11.48 12.73
CA SER B 139 11.14 11.11 13.58
C SER B 139 10.52 12.28 14.33
N MSE B 140 11.31 13.31 14.68
CA MSE B 140 10.82 14.41 15.46
C MSE B 140 10.95 15.73 14.78
O MSE B 140 11.93 15.96 14.08
CB MSE B 140 11.66 14.49 16.74
CG MSE B 140 11.72 13.07 17.28
SE MSE B 140 10.03 12.53 18.15
CE MSE B 140 10.66 11.12 19.43
N PRO B 141 9.86 16.49 14.73
CA PRO B 141 8.74 16.41 15.67
C PRO B 141 7.71 15.59 14.92
N GLU B 142 6.90 14.88 15.67
CA GLU B 142 5.71 14.26 15.10
C GLU B 142 4.76 15.34 14.60
N ALA B 143 4.10 15.08 13.48
CA ALA B 143 3.19 16.07 12.91
C ALA B 143 1.92 15.39 12.44
N TYR B 144 1.06 15.08 13.41
CA TYR B 144 -0.24 14.46 13.15
C TYR B 144 -1.30 15.56 13.05
N ILE B 145 -1.49 16.09 11.87
CA ILE B 145 -2.20 17.36 11.74
C ILE B 145 -3.69 17.16 11.56
N GLN B 146 -4.50 17.61 12.49
CA GLN B 146 -5.92 17.71 12.22
C GLN B 146 -6.11 18.99 11.42
N TRP B 147 -6.68 18.86 10.24
CA TRP B 147 -6.91 20.02 9.37
C TRP B 147 -8.02 20.90 9.90
N HIS B 148 -7.73 22.20 10.04
CA HIS B 148 -8.72 23.23 10.36
C HIS B 148 -8.65 24.29 9.30
N ALA B 149 -9.67 24.36 8.44
CA ALA B 149 -9.64 25.29 7.32
C ALA B 149 -9.39 26.73 7.73
N GLU B 150 -9.90 27.12 8.88
CA GLU B 150 -9.78 28.48 9.36
C GLU B 150 -8.38 28.85 9.81
N ALA B 151 -7.47 27.88 9.88
CA ALA B 151 -6.10 28.15 10.29
C ALA B 151 -5.22 28.59 9.11
N TYR B 152 -5.74 28.50 7.89
CA TYR B 152 -4.96 28.76 6.68
C TYR B 152 -5.66 29.77 5.77
N ALA B 153 -4.88 30.52 5.02
CA ALA B 153 -5.39 31.43 3.97
C ALA B 153 -5.30 30.78 2.60
N ALA B 154 -5.98 31.41 1.63
CA ALA B 154 -6.02 30.90 0.26
C ALA B 154 -4.65 30.83 -0.42
N ASP B 155 -3.73 31.67 0.00
CA ASP B 155 -2.38 31.69 -0.59
C ASP B 155 -1.42 30.69 0.08
N GLY B 156 -1.95 29.88 1.00
CA GLY B 156 -1.10 28.93 1.74
C GLY B 156 -0.49 29.45 3.03
N SER B 157 -0.68 30.73 3.32
CA SER B 157 -0.25 31.30 4.60
C SER B 157 -0.95 30.62 5.77
N VAL B 158 -0.27 30.55 6.91
CA VAL B 158 -0.86 30.00 8.11
C VAL B 158 -1.27 31.17 8.99
N THR B 159 -2.58 31.36 9.11
CA THR B 159 -3.10 32.49 9.86
C THR B 159 -3.15 32.25 11.36
N ASP B 160 -3.27 30.99 11.78
CA ASP B 160 -3.32 30.63 13.19
C ASP B 160 -1.91 30.53 13.75
N GLU B 161 -1.61 31.32 14.77
CA GLU B 161 -0.22 31.40 15.26
C GLU B 161 0.27 30.08 15.82
N LYS B 162 -0.55 29.36 16.57
CA LYS B 162 -0.10 28.09 17.17
C LYS B 162 0.23 27.08 16.08
N THR B 163 -0.61 27.05 15.06
CA THR B 163 -0.40 26.12 13.95
C THR B 163 0.85 26.50 13.15
N ALA B 164 1.05 27.79 12.94
CA ALA B 164 2.22 28.25 12.22
C ALA B 164 3.48 27.85 12.97
N LYS B 165 3.51 28.08 14.30
CA LYS B 165 4.69 27.70 15.10
C LYS B 165 4.98 26.21 14.98
N PHE B 166 3.93 25.40 15.02
CA PHE B 166 4.09 23.96 14.98
C PHE B 166 4.67 23.53 13.63
N LEU B 167 4.06 23.99 12.55
CA LEU B 167 4.53 23.63 11.21
C LEU B 167 5.91 24.18 10.94
N GLN B 168 6.18 25.39 11.43
CA GLN B 168 7.50 25.94 11.25
C GLN B 168 8.53 25.04 11.95
N GLY B 169 8.17 24.50 13.10
CA GLY B 169 9.07 23.64 13.85
C GLY B 169 9.38 22.38 13.06
N PHE B 170 8.39 21.85 12.37
CA PHE B 170 8.62 20.69 11.51
C PHE B 170 9.55 21.06 10.35
N VAL B 171 9.31 22.19 9.71
CA VAL B 171 10.16 22.61 8.58
C VAL B 171 11.60 22.82 9.06
N ASP B 172 11.76 23.56 10.14
CA ASP B 172 13.10 23.83 10.67
C ASP B 172 13.84 22.53 11.00
N ALA B 173 13.13 21.58 11.59
CA ALA B 173 13.74 20.31 11.92
C ALA B 173 14.15 19.56 10.67
N PHE B 174 13.32 19.60 9.65
CA PHE B 174 13.64 18.91 8.41
C PHE B 174 14.85 19.51 7.71
N VAL B 175 14.93 20.83 7.69
CA VAL B 175 16.10 21.51 7.12
C VAL B 175 17.37 21.03 7.84
N ASP B 176 17.31 21.01 9.17
CA ASP B 176 18.48 20.63 9.96
C ASP B 176 18.81 19.14 9.74
N TRP B 177 17.76 18.34 9.61
CA TRP B 177 17.92 16.91 9.40
C TRP B 177 18.65 16.64 8.10
N ILE B 178 18.24 17.33 7.06
CA ILE B 178 18.86 17.16 5.76
C ILE B 178 20.34 17.58 5.83
N GLU B 179 20.61 18.72 6.45
CA GLU B 179 22.00 19.19 6.59
C GLU B 179 22.88 18.18 7.32
N LYS B 180 22.37 17.61 8.39
CA LYS B 180 23.16 16.72 9.22
C LYS B 180 23.28 15.33 8.60
N HIS B 181 22.20 14.81 8.01
CA HIS B 181 22.15 13.40 7.64
C HIS B 181 22.18 13.11 6.16
N GLY B 182 22.23 14.15 5.33
CA GLY B 182 22.32 13.99 3.90
C GLY B 182 23.72 13.64 3.47
N LEU B 183 23.86 13.30 2.21
CA LEU B 183 25.19 12.99 1.67
C LEU B 183 26.10 14.21 1.72
C9A FNR C . 10.70 -8.07 -4.44
N10 FNR C . 10.98 -9.30 -3.88
CAA FNR C . 11.06 -9.42 -2.52
N1 FNR C . 11.14 -10.61 -1.98
C2 FNR C . 11.16 -10.72 -0.68
O2 FNR C . 11.17 -11.86 -0.22
N3 FNR C . 11.08 -9.72 0.17
C4 FNR C . 11.07 -8.44 -0.26
O4 FNR C . 11.06 -7.46 0.50
C4A FNR C . 11.02 -8.24 -1.71
N5 FNR C . 10.95 -6.99 -2.23
C5A FNR C . 10.71 -6.88 -3.56
C6 FNR C . 10.46 -5.64 -4.08
C7 FNR C . 10.23 -5.51 -5.41
C7M FNR C . 9.96 -4.10 -5.89
C8 FNR C . 10.27 -6.66 -6.30
C8M FNR C . 10.07 -6.49 -7.79
C9 FNR C . 10.52 -7.91 -5.81
C1' FNR C . 11.02 -10.52 -4.68
C2' FNR C . 9.72 -11.18 -4.85
O2' FNR C . 9.63 -12.03 -3.73
C3' FNR C . 9.76 -12.03 -6.12
O3' FNR C . 10.02 -11.20 -7.25
C4' FNR C . 8.41 -12.73 -6.22
O4' FNR C . 8.55 -13.80 -7.17
C5' FNR C . 7.31 -11.79 -6.70
O5' FNR C . 6.04 -12.45 -6.62
P FNR C . 5.32 -12.93 -8.00
O1P FNR C . 4.01 -13.44 -7.58
O2P FNR C . 5.26 -11.77 -8.97
O3P FNR C . 6.26 -14.00 -8.54
O1 2PE D . -1.34 5.06 -14.86
C2 2PE D . -2.14 5.08 -13.65
C3 2PE D . -2.38 3.75 -12.98
O4 2PE D . -3.44 3.04 -13.56
C5 2PE D . -3.88 1.92 -12.82
C6 2PE D . -4.83 1.08 -13.69
O7 2PE D . -6.08 1.76 -13.82
C8 2PE D . -6.81 1.49 -15.01
C9 2PE D . -8.28 1.89 -14.81
O10 2PE D . -8.62 3.11 -15.49
C11 2PE D . -9.74 3.79 -14.91
C12 2PE D . -9.39 5.27 -14.82
O13 2PE D . -10.20 6.00 -13.89
C14 2PE D . -9.49 7.17 -13.45
C15 2PE D . -8.87 7.83 -14.68
O16 2PE D . -7.63 8.44 -14.39
C17 2PE D . -6.94 8.83 -15.60
C18 2PE D . -5.76 9.71 -15.20
O19 2PE D . -4.92 10.03 -16.30
C20 2PE D . -3.56 10.22 -15.89
C21 2PE D . -2.70 9.07 -16.40
O22 2PE D . -1.31 9.23 -16.14
C23 2PE D . -0.48 8.98 -17.29
C24 2PE D . -0.59 7.54 -17.83
O25 2PE D . -0.33 7.50 -19.24
C26 2PE D . -0.83 6.37 -19.96
C27 2PE D . -2.36 6.30 -19.87
O28 2PE D . -3.00 5.79 -21.06
C9A FNR E . -10.62 8.02 4.63
N10 FNR E . -10.46 8.91 5.68
CAA FNR E . -9.87 8.52 6.85
N1 FNR E . -9.56 9.39 7.76
C2 FNR E . -9.01 9.00 8.86
O2 FNR E . -8.67 9.88 9.65
N3 FNR E . -8.64 7.74 9.09
C4 FNR E . -8.93 6.75 8.23
O4 FNR E . -8.63 5.54 8.51
C4A FNR E . -9.61 7.11 7.00
N5 FNR E . -9.89 6.21 6.05
C5A FNR E . -10.33 6.58 4.86
C6 FNR E . -10.47 5.69 3.82
C7 FNR E . -10.90 6.13 2.59
C7M FNR E . -10.95 5.07 1.55
C8 FNR E . -11.18 7.52 2.38
C8M FNR E . -11.73 7.99 1.06
C9 FNR E . -11.05 8.43 3.40
C1' FNR E . -10.77 10.34 5.52
C2' FNR E . -9.66 11.18 5.05
O2' FNR E . -8.92 11.55 6.20
C3' FNR E . -10.16 12.43 4.37
O3' FNR E . -11.02 12.08 3.26
C4' FNR E . -8.99 13.25 3.91
O4' FNR E . -9.54 14.55 3.58
C5' FNR E . -8.35 12.67 2.68
O5' FNR E . -7.13 13.36 2.35
P FNR E . -7.13 14.39 1.11
O1P FNR E . -5.70 14.85 1.02
O2P FNR E . -7.62 13.73 -0.13
O3P FNR E . -8.08 15.49 1.52
#